data_6I82
#
_entry.id   6I82
#
_cell.length_a   50.675
_cell.length_b   80.336
_cell.length_c   79.740
_cell.angle_alpha   90.00
_cell.angle_beta   99.87
_cell.angle_gamma   90.00
#
_symmetry.space_group_name_H-M   'P 1 21 1'
#
loop_
_entity.id
_entity.type
_entity.pdbx_description
1 polymer 'Proto-oncogene tyrosine-protein kinase receptor Ret'
2 non-polymer "~{N}-[3-(1,3-benzodioxol-5-yl)pyrazolo[1,5-a]pyrimidin-5-yl]-~{N}',~{N}'-dimethyl-propane-1,3-diamine"
3 non-polymer 1,2-ETHANEDIOL
4 non-polymer 'FORMIC ACID'
5 non-polymer 'CHLORIDE ION'
6 water water
#
_entity_poly.entity_id   1
_entity_poly.type   'polypeptide(L)'
_entity_poly.pdbx_seq_one_letter_code
;GPLSLSVDAFKILEDPKWEFPRKNLVLGKTLGEGEFGKVVKATAFHLKGRAGYTTVAVKMLKENASPSELRDLLSEFNVL
KQVNHPHVIKLYGACSQDGPLLLIMEYAKYGSLRGFLRESRKVGPGYLGSGGSRNSSSLDHPDERALTMGDLISFAWQIS
QGMQYLAEMKLVHRDLAARNILVAEGRKMKISDFGLSRDVYEEDSYVKRSQGRIPVKWMAIESLFDHI(PTR)TTQSDVW
SFGVLLWEIVTLGGNPYPGIPPERLFNLLKTGHRMERPDNCSEEMYRLMLQCWKQEPDKRPVFADISKDLEKMMVKRR
;
_entity_poly.pdbx_strand_id   A,B
#
# COMPACT_ATOMS: atom_id res chain seq x y z
N GLY A 1 -11.82 3.19 -17.79
CA GLY A 1 -12.65 3.13 -16.55
C GLY A 1 -12.60 4.46 -15.83
N PRO A 2 -13.07 4.55 -14.55
CA PRO A 2 -13.14 5.83 -13.85
C PRO A 2 -11.77 6.51 -13.74
N LEU A 3 -10.69 5.73 -13.58
CA LEU A 3 -9.38 6.36 -13.37
C LEU A 3 -8.84 6.89 -14.71
N SER A 4 -8.87 6.10 -15.79
CA SER A 4 -8.41 6.58 -17.12
C SER A 4 -9.15 7.88 -17.48
N LEU A 5 -10.45 7.99 -17.17
CA LEU A 5 -11.22 9.26 -17.43
C LEU A 5 -10.65 10.42 -16.63
N SER A 6 -10.43 10.28 -15.31
CA SER A 6 -9.82 11.32 -14.43
C SER A 6 -8.40 11.63 -14.89
N VAL A 7 -7.57 10.64 -15.21
CA VAL A 7 -6.15 10.94 -15.59
C VAL A 7 -6.19 11.85 -16.82
N ASP A 8 -6.99 11.47 -17.78
CA ASP A 8 -7.03 12.15 -19.09
C ASP A 8 -7.58 13.58 -18.93
N ALA A 9 -8.72 13.78 -18.25
CA ALA A 9 -9.21 15.11 -17.83
C ALA A 9 -8.08 15.95 -17.20
N PHE A 10 -7.38 15.39 -16.22
CA PHE A 10 -6.32 16.11 -15.48
C PHE A 10 -5.24 16.57 -16.45
N LYS A 11 -4.79 15.73 -17.38
CA LYS A 11 -3.75 16.07 -18.36
C LYS A 11 -4.29 17.08 -19.40
N ILE A 12 -5.60 17.20 -19.59
CA ILE A 12 -6.26 18.00 -20.67
C ILE A 12 -6.66 19.39 -20.13
N LEU A 13 -7.36 19.48 -18.99
CA LEU A 13 -8.11 20.70 -18.55
C LEU A 13 -7.13 21.89 -18.47
N GLU A 14 -5.93 21.67 -17.93
CA GLU A 14 -4.89 22.74 -17.80
C GLU A 14 -5.50 24.00 -17.17
N ASP A 15 -6.13 23.85 -16.00
CA ASP A 15 -6.90 24.91 -15.30
C ASP A 15 -5.96 26.02 -14.84
N PRO A 16 -6.06 27.26 -15.40
CA PRO A 16 -5.07 28.31 -15.13
C PRO A 16 -5.02 28.73 -13.66
N LYS A 17 -6.09 28.44 -12.91
CA LYS A 17 -6.15 28.70 -11.44
C LYS A 17 -5.06 27.86 -10.77
N TRP A 18 -4.87 26.62 -11.24
CA TRP A 18 -4.16 25.56 -10.49
C TRP A 18 -2.85 25.17 -11.17
N GLU A 19 -2.78 25.17 -12.50
CA GLU A 19 -1.59 24.68 -13.25
C GLU A 19 -0.42 25.61 -12.95
N PHE A 20 0.69 25.03 -12.49
CA PHE A 20 1.94 25.74 -12.12
C PHE A 20 3.02 25.35 -13.14
N PRO A 21 3.70 26.31 -13.79
CA PRO A 21 4.79 26.00 -14.71
C PRO A 21 5.91 25.16 -14.10
N ARG A 22 6.23 24.01 -14.70
CA ARG A 22 7.18 23.04 -14.09
C ARG A 22 8.55 23.71 -13.96
N LYS A 23 8.90 24.63 -14.85
CA LYS A 23 10.24 25.25 -14.86
C LYS A 23 10.42 26.18 -13.66
N ASN A 24 9.32 26.56 -12.99
CA ASN A 24 9.39 27.49 -11.83
C ASN A 24 9.48 26.70 -10.53
N LEU A 25 9.68 25.38 -10.60
CA LEU A 25 9.67 24.48 -9.43
C LEU A 25 11.01 23.76 -9.35
N VAL A 26 11.64 23.80 -8.18
CA VAL A 26 12.96 23.20 -7.89
C VAL A 26 12.78 22.21 -6.74
N LEU A 27 12.83 20.92 -7.01
CA LEU A 27 12.55 19.87 -5.99
C LEU A 27 13.82 19.68 -5.18
N GLY A 28 13.65 19.50 -3.87
CA GLY A 28 14.73 19.42 -2.87
C GLY A 28 14.65 18.09 -2.17
N LYS A 29 14.93 18.04 -0.87
CA LYS A 29 15.06 16.76 -0.14
C LYS A 29 13.68 16.09 0.07
N THR A 30 13.72 14.78 0.28
CA THR A 30 12.55 13.94 0.61
C THR A 30 12.17 14.18 2.08
N LEU A 31 10.93 14.56 2.31
CA LEU A 31 10.39 14.78 3.67
C LEU A 31 9.82 13.46 4.19
N GLY A 32 9.27 12.64 3.30
CA GLY A 32 8.47 11.48 3.66
C GLY A 32 8.15 10.64 2.45
N GLU A 33 8.07 9.33 2.66
CA GLU A 33 7.64 8.33 1.67
C GLU A 33 6.78 7.27 2.37
N GLY A 34 5.74 6.78 1.72
CA GLY A 34 4.91 5.70 2.29
C GLY A 34 3.71 5.41 1.42
N GLU A 35 2.65 4.93 2.08
CA GLU A 35 1.35 4.52 1.48
C GLU A 35 0.65 5.75 0.90
N PHE A 36 1.00 6.94 1.41
CA PHE A 36 0.52 8.28 0.97
C PHE A 36 1.33 8.79 -0.22
N GLY A 37 2.33 8.04 -0.68
CA GLY A 37 3.20 8.38 -1.83
C GLY A 37 4.52 8.96 -1.37
N LYS A 38 5.01 10.01 -2.06
CA LYS A 38 6.31 10.65 -1.76
C LYS A 38 6.12 12.17 -1.64
N VAL A 39 6.70 12.80 -0.63
CA VAL A 39 6.65 14.30 -0.54
C VAL A 39 8.06 14.81 -0.36
N VAL A 40 8.37 15.87 -1.10
CA VAL A 40 9.71 16.51 -1.11
C VAL A 40 9.51 17.99 -0.83
N LYS A 41 10.52 18.60 -0.23
CA LYS A 41 10.59 20.06 -0.04
C LYS A 41 10.93 20.64 -1.41
N ALA A 42 10.47 21.85 -1.72
CA ALA A 42 10.74 22.49 -3.00
C ALA A 42 10.66 24.00 -2.86
N THR A 43 11.12 24.72 -3.89
CA THR A 43 10.86 26.17 -4.01
C THR A 43 10.04 26.34 -5.27
N ALA A 44 9.17 27.34 -5.24
CA ALA A 44 8.26 27.66 -6.34
C ALA A 44 8.39 29.15 -6.61
N PHE A 45 8.73 29.47 -7.83
CA PHE A 45 8.87 30.86 -8.29
C PHE A 45 7.53 31.39 -8.78
N HIS A 46 7.14 32.56 -8.29
CA HIS A 46 5.87 33.21 -8.65
C HIS A 46 4.71 32.22 -8.45
N LEU A 47 4.65 31.57 -7.30
CA LEU A 47 3.49 30.72 -6.90
C LEU A 47 2.29 31.63 -6.57
N LYS A 48 1.20 31.55 -7.33
CA LYS A 48 -0.06 32.30 -7.02
C LYS A 48 0.23 33.79 -7.07
N GLY A 49 1.15 34.22 -7.94
CA GLY A 49 1.54 35.63 -8.06
C GLY A 49 2.18 36.16 -6.80
N ARG A 50 2.85 35.30 -6.01
CA ARG A 50 3.71 35.75 -4.89
C ARG A 50 5.11 36.06 -5.43
N ALA A 51 5.72 37.10 -4.86
CA ALA A 51 7.08 37.53 -5.23
C ALA A 51 8.10 36.43 -4.86
N GLY A 52 9.14 36.29 -5.67
CA GLY A 52 10.28 35.40 -5.41
C GLY A 52 9.86 33.95 -5.24
N TYR A 53 10.51 33.28 -4.29
CA TYR A 53 10.47 31.82 -4.08
C TYR A 53 9.62 31.56 -2.83
N THR A 54 8.56 30.75 -2.94
CA THR A 54 7.76 30.20 -1.80
C THR A 54 8.22 28.77 -1.52
N THR A 55 8.61 28.47 -0.29
CA THR A 55 8.97 27.12 0.14
C THR A 55 7.64 26.35 0.17
N VAL A 56 7.64 25.15 -0.40
CA VAL A 56 6.42 24.33 -0.62
C VAL A 56 6.76 22.88 -0.36
N ALA A 57 5.72 22.08 -0.27
CA ALA A 57 5.83 20.62 -0.18
C ALA A 57 5.19 20.11 -1.43
N VAL A 58 5.83 19.15 -2.06
CA VAL A 58 5.37 18.61 -3.36
C VAL A 58 5.10 17.13 -3.14
N LYS A 59 3.89 16.73 -3.50
CA LYS A 59 3.40 15.34 -3.35
C LYS A 59 3.38 14.74 -4.74
N MET A 60 3.90 13.53 -4.82
CA MET A 60 4.02 12.83 -6.12
C MET A 60 3.81 11.34 -5.87
N LEU A 61 3.59 10.56 -6.92
CA LEU A 61 3.48 9.08 -6.81
C LEU A 61 4.86 8.53 -6.44
N LYS A 62 4.91 7.56 -5.51
CA LYS A 62 6.14 6.81 -5.17
C LYS A 62 6.36 5.75 -6.23
N GLU A 63 7.51 5.06 -6.18
CA GLU A 63 7.88 3.92 -7.07
C GLU A 63 6.73 2.91 -7.17
N ASN A 64 6.49 2.38 -8.37
CA ASN A 64 5.65 1.19 -8.57
C ASN A 64 4.23 1.52 -8.09
N ALA A 65 3.72 2.71 -8.39
CA ALA A 65 2.41 3.17 -7.89
C ALA A 65 1.30 2.33 -8.55
N SER A 66 0.27 1.99 -7.76
CA SER A 66 -0.95 1.26 -8.19
C SER A 66 -2.02 2.28 -8.61
N PRO A 67 -3.09 1.83 -9.31
CA PRO A 67 -4.23 2.70 -9.64
C PRO A 67 -4.81 3.40 -8.41
N SER A 68 -4.94 2.65 -7.31
CA SER A 68 -5.35 3.20 -5.98
C SER A 68 -4.50 4.42 -5.59
N GLU A 69 -3.19 4.37 -5.73
CA GLU A 69 -2.30 5.47 -5.30
C GLU A 69 -2.53 6.68 -6.21
N LEU A 70 -2.64 6.43 -7.52
CA LEU A 70 -2.91 7.48 -8.53
C LEU A 70 -4.30 8.08 -8.30
N ARG A 71 -5.32 7.27 -8.03
CA ARG A 71 -6.66 7.78 -7.69
C ARG A 71 -6.60 8.67 -6.44
N ASP A 72 -5.87 8.25 -5.39
CA ASP A 72 -5.72 9.05 -4.14
C ASP A 72 -5.16 10.45 -4.44
N LEU A 73 -4.20 10.53 -5.32
CA LEU A 73 -3.57 11.83 -5.65
C LEU A 73 -4.60 12.74 -6.34
N LEU A 74 -5.26 12.25 -7.39
CA LEU A 74 -6.23 13.06 -8.15
C LEU A 74 -7.38 13.47 -7.24
N SER A 75 -7.86 12.53 -6.45
CA SER A 75 -8.92 12.71 -5.43
C SER A 75 -8.50 13.81 -4.41
N GLU A 76 -7.24 13.84 -3.96
CA GLU A 76 -6.72 14.90 -3.07
C GLU A 76 -6.84 16.26 -3.73
N PHE A 77 -6.40 16.35 -5.00
CA PHE A 77 -6.50 17.53 -5.87
C PHE A 77 -7.96 17.96 -5.89
N ASN A 78 -8.88 17.02 -6.18
CA ASN A 78 -10.32 17.32 -6.32
C ASN A 78 -10.88 17.97 -5.04
N VAL A 79 -10.59 17.37 -3.87
CA VAL A 79 -11.11 17.85 -2.57
C VAL A 79 -10.43 19.16 -2.17
N LEU A 80 -9.09 19.25 -2.24
CA LEU A 80 -8.37 20.38 -1.61
C LEU A 80 -8.56 21.65 -2.43
N LYS A 81 -8.91 21.55 -3.72
CA LYS A 81 -9.12 22.78 -4.53
C LYS A 81 -10.42 23.46 -4.08
N GLN A 82 -11.25 22.82 -3.26
CA GLN A 82 -12.60 23.32 -2.87
C GLN A 82 -12.57 23.76 -1.42
N VAL A 83 -11.50 23.52 -0.67
CA VAL A 83 -11.50 23.79 0.79
C VAL A 83 -10.45 24.88 1.08
N ASN A 84 -10.68 25.60 2.18
CA ASN A 84 -9.87 26.76 2.62
C ASN A 84 -10.09 26.96 4.12
N HIS A 85 -9.11 26.63 4.95
CA HIS A 85 -9.23 26.75 6.42
C HIS A 85 -7.84 26.72 6.98
N PRO A 86 -7.59 27.59 7.96
CA PRO A 86 -6.27 27.69 8.58
C PRO A 86 -5.70 26.37 9.08
N HIS A 87 -6.53 25.38 9.49
CA HIS A 87 -6.02 24.12 10.09
C HIS A 87 -6.20 22.96 9.12
N VAL A 88 -6.39 23.30 7.86
CA VAL A 88 -6.39 22.32 6.73
C VAL A 88 -5.24 22.69 5.80
N ILE A 89 -4.39 21.72 5.49
CA ILE A 89 -3.21 21.96 4.62
C ILE A 89 -3.73 22.45 3.24
N LYS A 90 -3.13 23.51 2.70
CA LYS A 90 -3.54 24.16 1.43
C LYS A 90 -2.90 23.50 0.22
N LEU A 91 -3.69 23.42 -0.85
CA LEU A 91 -3.26 23.12 -2.23
C LEU A 91 -2.94 24.47 -2.88
N TYR A 92 -1.74 24.63 -3.45
CA TYR A 92 -1.33 25.86 -4.17
C TYR A 92 -1.42 25.63 -5.68
N GLY A 93 -1.30 24.39 -6.14
CA GLY A 93 -1.30 24.11 -7.58
C GLY A 93 -0.86 22.69 -7.90
N ALA A 94 -0.72 22.43 -9.19
CA ALA A 94 -0.42 21.11 -9.78
C ALA A 94 0.45 21.31 -11.00
N CYS A 95 1.27 20.32 -11.30
CA CYS A 95 2.04 20.22 -12.55
C CYS A 95 1.54 18.95 -13.22
N SER A 96 0.87 19.08 -14.34
CA SER A 96 0.21 17.95 -15.04
C SER A 96 0.67 17.84 -16.51
N GLN A 97 1.66 18.63 -16.96
CA GLN A 97 2.04 18.79 -18.39
C GLN A 97 3.51 18.40 -18.64
N ASP A 98 4.25 17.94 -17.62
CA ASP A 98 5.72 17.81 -17.74
C ASP A 98 6.20 16.75 -16.77
N GLY A 99 6.23 15.52 -17.26
CA GLY A 99 6.65 14.36 -16.49
C GLY A 99 5.60 14.04 -15.42
N PRO A 100 6.08 13.58 -14.26
CA PRO A 100 5.18 13.02 -13.25
C PRO A 100 4.21 14.10 -12.74
N LEU A 101 3.00 13.65 -12.36
CA LEU A 101 1.97 14.53 -11.80
C LEU A 101 2.51 14.98 -10.47
N LEU A 102 2.43 16.28 -10.19
CA LEU A 102 2.89 16.84 -8.91
C LEU A 102 1.75 17.68 -8.34
N LEU A 103 1.53 17.56 -7.02
CA LEU A 103 0.67 18.51 -6.28
C LEU A 103 1.57 19.42 -5.45
N ILE A 104 1.26 20.72 -5.48
CA ILE A 104 2.05 21.75 -4.78
C ILE A 104 1.22 22.20 -3.57
N MET A 105 1.81 22.05 -2.39
CA MET A 105 1.10 22.18 -1.11
C MET A 105 1.89 23.05 -0.17
N GLU A 106 1.15 23.71 0.71
CA GLU A 106 1.66 24.39 1.89
C GLU A 106 2.71 23.53 2.57
N TYR A 107 3.83 24.11 2.95
CA TYR A 107 4.91 23.35 3.61
C TYR A 107 4.72 23.41 5.14
N ALA A 108 4.92 22.30 5.82
CA ALA A 108 4.83 22.19 7.29
C ALA A 108 6.20 21.79 7.83
N LYS A 109 6.96 22.74 8.38
CA LYS A 109 8.40 22.50 8.68
C LYS A 109 8.58 21.47 9.78
N TYR A 110 7.57 21.13 10.60
CA TYR A 110 7.78 20.23 11.76
C TYR A 110 7.37 18.81 11.42
N GLY A 111 6.90 18.56 10.19
CA GLY A 111 6.46 17.24 9.75
C GLY A 111 5.13 16.81 10.39
N SER A 112 4.99 15.52 10.64
CA SER A 112 3.79 14.89 11.21
C SER A 112 3.67 15.21 12.69
N LEU A 113 2.44 15.27 13.18
CA LEU A 113 2.15 15.50 14.60
C LEU A 113 2.73 14.33 15.39
N ARG A 114 2.57 13.10 14.91
CA ARG A 114 3.09 11.91 15.62
C ARG A 114 4.61 12.09 15.85
N GLY A 115 5.39 12.30 14.77
CA GLY A 115 6.84 12.56 14.85
C GLY A 115 7.18 13.74 15.76
N PHE A 116 6.39 14.82 15.70
CA PHE A 116 6.60 16.04 16.52
C PHE A 116 6.37 15.77 18.02
N LEU A 117 5.48 14.83 18.38
CA LEU A 117 5.16 14.49 19.80
C LEU A 117 6.18 13.48 20.34
N ARG A 118 6.53 12.47 19.55
CA ARG A 118 7.49 11.40 19.95
C ARG A 118 8.87 12.01 20.24
N GLU A 119 9.19 13.15 19.66
CA GLU A 119 10.45 13.88 19.95
C GLU A 119 10.18 14.88 21.10
N SER A 120 9.07 14.73 21.84
CA SER A 120 8.68 15.60 22.97
C SER A 120 8.41 14.79 24.23
N GLU A 144 13.91 15.69 23.31
CA GLU A 144 13.17 15.88 24.59
C GLU A 144 12.71 17.34 24.68
N ARG A 145 11.86 17.79 23.76
CA ARG A 145 11.29 19.18 23.68
C ARG A 145 10.06 19.31 24.59
N ALA A 146 9.70 20.53 24.96
CA ALA A 146 8.85 20.88 26.12
C ALA A 146 7.46 21.35 25.68
N LEU A 147 6.41 20.59 26.04
CA LEU A 147 5.00 20.95 25.76
C LEU A 147 4.18 20.97 27.05
N THR A 148 3.34 21.99 27.21
CA THR A 148 2.36 22.11 28.31
C THR A 148 1.08 21.40 27.85
N MET A 149 0.30 20.88 28.80
CA MET A 149 -1.06 20.32 28.58
C MET A 149 -1.90 21.34 27.81
N GLY A 150 -1.72 22.63 28.09
CA GLY A 150 -2.34 23.75 27.36
C GLY A 150 -2.06 23.70 25.86
N ASP A 151 -0.85 23.27 25.48
CA ASP A 151 -0.41 23.21 24.06
C ASP A 151 -1.13 22.04 23.37
N LEU A 152 -0.98 20.83 23.94
CA LEU A 152 -1.70 19.59 23.51
C LEU A 152 -3.20 19.87 23.25
N ILE A 153 -3.81 20.72 24.06
CA ILE A 153 -5.27 21.02 24.07
C ILE A 153 -5.53 22.09 23.04
N SER A 154 -4.56 22.99 22.85
CA SER A 154 -4.52 23.91 21.67
C SER A 154 -4.49 23.07 20.37
N PHE A 155 -3.62 22.06 20.30
CA PHE A 155 -3.43 21.20 19.10
C PHE A 155 -4.75 20.50 18.80
N ALA A 156 -5.29 19.83 19.83
CA ALA A 156 -6.59 19.12 19.76
C ALA A 156 -7.66 20.09 19.26
N TRP A 157 -7.67 21.32 19.76
CA TRP A 157 -8.70 22.33 19.45
C TRP A 157 -8.62 22.74 17.99
N GLN A 158 -7.39 22.96 17.51
CA GLN A 158 -7.11 23.41 16.11
C GLN A 158 -7.64 22.38 15.13
N ILE A 159 -7.34 21.10 15.38
CA ILE A 159 -7.81 19.96 14.56
C ILE A 159 -9.34 19.91 14.56
N SER A 160 -9.96 20.01 15.75
CA SER A 160 -11.43 20.12 15.93
C SER A 160 -12.00 21.25 15.07
N GLN A 161 -11.31 22.38 14.98
CA GLN A 161 -11.81 23.52 14.15
C GLN A 161 -11.78 23.09 12.68
N GLY A 162 -10.67 22.48 12.24
CA GLY A 162 -10.56 22.00 10.85
C GLY A 162 -11.61 20.95 10.55
N MET A 163 -11.79 20.01 11.46
CA MET A 163 -12.79 18.92 11.29
C MET A 163 -14.19 19.51 11.29
N GLN A 164 -14.43 20.53 12.13
CA GLN A 164 -15.78 21.13 12.23
C GLN A 164 -16.10 21.75 10.87
N TYR A 165 -15.13 22.47 10.30
CA TYR A 165 -15.29 23.11 8.97
C TYR A 165 -15.50 22.04 7.89
N LEU A 166 -14.77 20.93 7.95
CA LEU A 166 -14.94 19.86 6.92
C LEU A 166 -16.34 19.23 7.01
N ALA A 167 -16.82 18.93 8.21
CA ALA A 167 -18.15 18.31 8.44
C ALA A 167 -19.27 19.25 7.96
N GLU A 168 -19.13 20.55 8.18
CA GLU A 168 -20.13 21.56 7.69
C GLU A 168 -20.13 21.57 6.16
N MET A 169 -19.01 21.24 5.52
CA MET A 169 -18.89 21.13 4.03
C MET A 169 -19.34 19.72 3.59
N LYS A 170 -19.76 18.88 4.54
CA LYS A 170 -20.22 17.50 4.28
C LYS A 170 -19.09 16.69 3.63
N LEU A 171 -17.87 16.79 4.17
CA LEU A 171 -16.70 15.92 3.84
C LEU A 171 -16.39 15.06 5.05
N VAL A 172 -16.35 13.75 4.83
CA VAL A 172 -15.85 12.74 5.79
C VAL A 172 -14.39 12.53 5.46
N HIS A 173 -13.49 12.65 6.44
CA HIS A 173 -12.03 12.55 6.19
C HIS A 173 -11.63 11.07 6.12
N ARG A 174 -12.21 10.22 6.99
CA ARG A 174 -12.01 8.75 7.10
C ARG A 174 -10.65 8.41 7.71
N ASP A 175 -9.64 9.27 7.57
CA ASP A 175 -8.23 8.92 7.83
C ASP A 175 -7.62 9.72 9.00
N LEU A 176 -8.42 10.19 9.96
CA LEU A 176 -7.89 11.09 11.03
C LEU A 176 -6.95 10.29 11.94
N ALA A 177 -5.74 10.77 12.10
CA ALA A 177 -4.68 10.16 12.93
C ALA A 177 -3.51 11.14 13.05
N ALA A 178 -2.71 10.98 14.10
CA ALA A 178 -1.59 11.88 14.45
C ALA A 178 -0.52 11.84 13.34
N ARG A 179 -0.35 10.68 12.68
CA ARG A 179 0.53 10.53 11.48
C ARG A 179 -0.01 11.34 10.27
N ASN A 180 -1.30 11.73 10.26
CA ASN A 180 -1.98 12.39 9.11
C ASN A 180 -2.38 13.82 9.48
N ILE A 181 -1.73 14.39 10.50
CA ILE A 181 -1.80 15.83 10.87
C ILE A 181 -0.38 16.39 10.71
N LEU A 182 -0.25 17.55 10.08
CA LEU A 182 1.07 18.19 9.94
C LEU A 182 1.17 19.33 10.95
N VAL A 183 2.41 19.67 11.30
CA VAL A 183 2.77 20.79 12.22
C VAL A 183 3.59 21.79 11.43
N ALA A 184 3.01 22.97 11.19
CA ALA A 184 3.55 24.04 10.35
C ALA A 184 4.14 25.15 11.25
N GLU A 185 4.62 26.22 10.63
CA GLU A 185 5.27 27.36 11.33
C GLU A 185 4.39 27.85 12.48
N GLY A 186 4.95 27.96 13.69
CA GLY A 186 4.22 28.46 14.87
C GLY A 186 3.42 27.34 15.54
N ARG A 187 3.82 26.09 15.33
CA ARG A 187 3.10 24.85 15.75
C ARG A 187 1.60 24.93 15.42
N LYS A 188 1.24 25.42 14.23
CA LYS A 188 -0.17 25.39 13.75
C LYS A 188 -0.45 23.98 13.23
N MET A 189 -1.59 23.41 13.62
CA MET A 189 -2.00 22.08 13.14
C MET A 189 -2.56 22.25 11.73
N LYS A 190 -2.20 21.32 10.85
CA LYS A 190 -2.72 21.21 9.46
C LYS A 190 -3.19 19.77 9.22
N ILE A 191 -4.47 19.60 8.96
CA ILE A 191 -5.04 18.29 8.59
C ILE A 191 -4.58 17.98 7.15
N SER A 192 -4.05 16.78 6.91
CA SER A 192 -3.49 16.38 5.59
C SER A 192 -4.13 15.06 5.16
N ASP A 193 -3.67 14.45 4.05
CA ASP A 193 -4.01 13.06 3.66
C ASP A 193 -5.50 12.98 3.30
N PHE A 194 -5.92 13.72 2.28
CA PHE A 194 -7.32 13.76 1.79
C PHE A 194 -7.61 12.71 0.71
N GLY A 195 -6.73 11.73 0.49
CA GLY A 195 -6.92 10.67 -0.53
C GLY A 195 -8.16 9.82 -0.32
N LEU A 196 -8.49 9.50 0.94
CA LEU A 196 -9.66 8.63 1.26
C LEU A 196 -10.90 9.44 1.60
N SER A 197 -10.84 10.78 1.52
CA SER A 197 -11.98 11.64 1.97
C SER A 197 -13.15 11.49 0.99
N ARG A 198 -14.40 11.61 1.48
CA ARG A 198 -15.63 11.39 0.70
C ARG A 198 -16.63 12.51 1.00
N ASP A 199 -17.37 12.94 -0.01
CA ASP A 199 -18.44 13.96 0.12
C ASP A 199 -19.78 13.25 0.36
N VAL A 200 -20.23 13.13 1.61
CA VAL A 200 -21.55 12.53 1.97
C VAL A 200 -22.68 13.12 1.12
N TYR A 201 -22.87 14.45 1.14
CA TYR A 201 -23.84 15.22 0.30
C TYR A 201 -23.29 16.63 0.08
N GLN A 211 -13.63 -1.12 1.10
CA GLN A 211 -12.31 -0.82 0.49
C GLN A 211 -11.17 -1.09 1.50
N GLY A 212 -11.42 -0.87 2.79
CA GLY A 212 -10.61 -1.34 3.93
C GLY A 212 -9.19 -0.79 4.01
N ARG A 213 -8.95 0.52 3.93
CA ARG A 213 -7.55 1.05 3.86
C ARG A 213 -7.19 1.90 5.07
N ILE A 214 -8.09 2.10 6.02
CA ILE A 214 -7.75 2.82 7.28
C ILE A 214 -7.25 1.80 8.30
N PRO A 215 -6.16 2.06 9.05
CA PRO A 215 -5.73 1.14 10.10
C PRO A 215 -6.86 0.85 11.10
N VAL A 216 -7.03 -0.43 11.45
CA VAL A 216 -8.23 -0.88 12.21
C VAL A 216 -8.29 -0.13 13.54
N LYS A 217 -7.15 0.16 14.18
CA LYS A 217 -7.14 0.74 15.55
C LYS A 217 -7.65 2.19 15.55
N TRP A 218 -7.78 2.86 14.40
CA TRP A 218 -8.39 4.22 14.28
C TRP A 218 -9.85 4.20 13.82
N MET A 219 -10.41 3.04 13.43
CA MET A 219 -11.75 2.95 12.79
C MET A 219 -12.85 2.83 13.85
N ALA A 220 -13.97 3.49 13.60
CA ALA A 220 -15.22 3.39 14.39
C ALA A 220 -15.74 1.95 14.30
N ILE A 221 -16.52 1.53 15.30
CA ILE A 221 -17.07 0.15 15.36
C ILE A 221 -17.91 -0.11 14.09
N GLU A 222 -18.77 0.82 13.70
CA GLU A 222 -19.67 0.62 12.53
C GLU A 222 -18.86 0.64 11.22
N SER A 223 -17.66 1.20 11.18
CA SER A 223 -16.79 1.19 9.99
C SER A 223 -16.19 -0.23 9.88
N LEU A 224 -15.66 -0.75 10.98
CA LEU A 224 -15.17 -2.15 11.10
C LEU A 224 -16.25 -3.18 10.72
N PHE A 225 -17.45 -3.11 11.31
CA PHE A 225 -18.53 -4.13 11.16
C PHE A 225 -19.42 -3.92 9.91
N ASP A 226 -19.79 -2.71 9.55
CA ASP A 226 -20.76 -2.44 8.45
C ASP A 226 -20.13 -1.57 7.35
N HIS A 227 -18.86 -1.19 7.45
CA HIS A 227 -18.16 -0.36 6.44
C HIS A 227 -18.83 1.02 6.27
N ILE A 228 -19.48 1.55 7.31
CA ILE A 228 -20.09 2.91 7.29
C ILE A 228 -19.04 3.92 7.73
N THR A 230 -19.04 8.16 8.43
CA THR A 230 -19.76 9.42 8.51
C THR A 230 -18.89 10.43 9.28
N THR A 231 -19.37 11.66 9.51
CA THR A 231 -18.72 12.58 10.47
C THR A 231 -18.55 11.89 11.82
N GLN A 232 -19.54 11.13 12.25
CA GLN A 232 -19.56 10.45 13.58
C GLN A 232 -18.46 9.37 13.63
N SER A 233 -18.10 8.75 12.49
CA SER A 233 -16.92 7.85 12.43
C SER A 233 -15.62 8.68 12.42
N ASP A 234 -15.61 9.88 11.82
CA ASP A 234 -14.48 10.83 11.99
C ASP A 234 -14.34 11.18 13.49
N VAL A 235 -15.44 11.39 14.23
CA VAL A 235 -15.38 11.75 15.67
C VAL A 235 -14.71 10.62 16.46
N TRP A 236 -15.05 9.36 16.16
CA TRP A 236 -14.40 8.17 16.78
C TRP A 236 -12.88 8.26 16.53
N SER A 237 -12.48 8.39 15.26
CA SER A 237 -11.06 8.60 14.88
C SER A 237 -10.47 9.76 15.68
N PHE A 238 -11.18 10.88 15.82
CA PHE A 238 -10.72 12.05 16.61
C PHE A 238 -10.40 11.62 18.05
N GLY A 239 -11.27 10.81 18.66
CA GLY A 239 -11.02 10.28 20.02
C GLY A 239 -9.70 9.52 20.10
N VAL A 240 -9.40 8.65 19.12
CA VAL A 240 -8.05 7.98 19.04
C VAL A 240 -6.94 9.03 18.91
N LEU A 241 -7.10 10.02 18.04
CA LEU A 241 -6.12 11.15 17.92
C LEU A 241 -5.92 11.86 19.28
N LEU A 242 -6.97 12.16 20.04
CA LEU A 242 -6.81 12.80 21.38
C LEU A 242 -5.86 11.95 22.22
N TRP A 243 -6.08 10.64 22.21
CA TRP A 243 -5.28 9.67 22.99
C TRP A 243 -3.82 9.70 22.55
N GLU A 244 -3.55 9.80 21.24
CA GLU A 244 -2.17 9.90 20.71
C GLU A 244 -1.58 11.21 21.22
N ILE A 245 -2.35 12.29 21.21
CA ILE A 245 -1.83 13.61 21.64
C ILE A 245 -1.37 13.50 23.11
N VAL A 246 -2.23 12.98 23.98
CA VAL A 246 -2.08 13.03 25.47
C VAL A 246 -0.95 12.08 25.87
N THR A 247 -0.68 11.04 25.07
CA THR A 247 0.42 10.08 25.32
C THR A 247 1.68 10.54 24.57
N LEU A 248 1.74 11.77 24.06
CA LEU A 248 2.88 12.32 23.28
C LEU A 248 3.35 11.28 22.25
N GLY A 249 2.39 10.74 21.49
CA GLY A 249 2.63 9.91 20.30
C GLY A 249 2.58 8.43 20.61
N GLY A 250 1.87 8.04 21.68
CA GLY A 250 1.69 6.62 22.04
C GLY A 250 1.08 5.84 20.90
N ASN A 251 1.17 4.51 20.96
CA ASN A 251 0.59 3.55 20.00
C ASN A 251 -0.71 2.97 20.55
N PRO A 252 -1.88 3.28 19.93
CA PRO A 252 -3.19 2.82 20.43
C PRO A 252 -3.30 1.32 20.72
N TYR A 253 -4.03 0.98 21.78
CA TYR A 253 -4.29 -0.41 22.24
C TYR A 253 -2.95 -1.16 22.22
N PRO A 254 -1.96 -0.71 23.01
CA PRO A 254 -0.60 -1.24 22.92
C PRO A 254 -0.58 -2.75 23.17
N GLY A 255 0.06 -3.50 22.26
CA GLY A 255 0.20 -4.97 22.36
C GLY A 255 -1.12 -5.70 22.20
N ILE A 256 -2.14 -5.06 21.62
CA ILE A 256 -3.34 -5.83 21.20
C ILE A 256 -3.31 -5.91 19.68
N PRO A 257 -3.30 -7.12 19.09
CA PRO A 257 -3.30 -7.27 17.65
C PRO A 257 -4.66 -6.87 17.07
N PRO A 258 -4.69 -6.24 15.87
CA PRO A 258 -5.90 -5.65 15.30
C PRO A 258 -7.02 -6.67 15.10
N GLU A 259 -6.62 -7.92 14.87
CA GLU A 259 -7.53 -9.07 14.66
C GLU A 259 -8.40 -9.27 15.91
N ARG A 260 -7.90 -8.97 17.12
CA ARG A 260 -8.62 -9.23 18.40
C ARG A 260 -9.53 -8.04 18.76
N LEU A 261 -9.14 -6.83 18.37
CA LEU A 261 -9.81 -5.53 18.66
C LEU A 261 -11.29 -5.55 18.24
N PHE A 262 -11.65 -6.29 17.19
CA PHE A 262 -13.03 -6.39 16.67
C PHE A 262 -13.98 -6.87 17.78
N ASN A 263 -13.56 -7.88 18.57
CA ASN A 263 -14.42 -8.49 19.62
C ASN A 263 -14.33 -7.66 20.91
N LEU A 264 -13.14 -7.13 21.25
CA LEU A 264 -12.94 -6.22 22.41
C LEU A 264 -13.81 -4.97 22.27
N LEU A 265 -13.84 -4.29 21.11
CA LEU A 265 -14.74 -3.12 20.89
C LEU A 265 -16.20 -3.60 20.91
N LYS A 266 -16.52 -4.71 20.25
CA LYS A 266 -17.92 -5.22 20.13
C LYS A 266 -18.50 -5.41 21.53
N THR A 267 -17.69 -5.92 22.47
CA THR A 267 -18.07 -6.26 23.86
C THR A 267 -17.92 -5.04 24.79
N GLY A 268 -17.50 -3.87 24.28
CA GLY A 268 -17.56 -2.60 25.02
C GLY A 268 -16.26 -2.24 25.73
N HIS A 269 -15.14 -2.88 25.40
CA HIS A 269 -13.80 -2.47 25.90
C HIS A 269 -13.36 -1.21 25.15
N ARG A 270 -12.56 -0.38 25.82
CA ARG A 270 -11.98 0.87 25.29
C ARG A 270 -10.68 1.10 26.03
N MET A 271 -9.80 1.96 25.50
CA MET A 271 -8.50 2.21 26.16
C MET A 271 -8.73 2.89 27.51
N GLU A 272 -7.97 2.46 28.53
CA GLU A 272 -7.91 3.02 29.90
C GLU A 272 -7.47 4.48 29.84
N ARG A 273 -7.92 5.30 30.79
CA ARG A 273 -7.34 6.64 31.01
C ARG A 273 -5.83 6.52 31.04
N PRO A 274 -5.08 7.24 30.17
CA PRO A 274 -3.61 7.17 30.19
C PRO A 274 -3.03 8.08 31.29
N ASP A 275 -1.77 7.86 31.65
CA ASP A 275 -1.00 8.69 32.60
C ASP A 275 -1.07 10.13 32.08
N ASN A 276 -1.04 11.13 32.97
CA ASN A 276 -0.99 12.57 32.59
C ASN A 276 -2.15 12.88 31.64
N CYS A 277 -3.37 12.58 32.07
CA CYS A 277 -4.65 12.82 31.36
C CYS A 277 -5.75 13.15 32.38
N SER A 278 -6.31 14.35 32.31
CA SER A 278 -7.43 14.79 33.20
C SER A 278 -8.62 13.83 33.01
N GLU A 279 -9.49 13.80 34.01
CA GLU A 279 -10.82 13.13 33.96
C GLU A 279 -11.61 13.72 32.80
N GLU A 280 -11.66 15.06 32.74
CA GLU A 280 -12.41 15.86 31.73
C GLU A 280 -11.99 15.38 30.33
N MET A 281 -10.68 15.39 30.07
CA MET A 281 -10.07 15.02 28.77
C MET A 281 -10.45 13.57 28.47
N TYR A 282 -10.36 12.69 29.46
CA TYR A 282 -10.58 11.23 29.25
C TYR A 282 -12.08 10.98 29.02
N ARG A 283 -12.95 11.81 29.62
CA ARG A 283 -14.41 11.69 29.43
C ARG A 283 -14.73 12.08 27.98
N LEU A 284 -14.02 13.10 27.46
CA LEU A 284 -14.22 13.54 26.06
C LEU A 284 -13.83 12.33 25.15
N MET A 285 -12.67 11.72 25.36
CA MET A 285 -12.23 10.51 24.59
C MET A 285 -13.35 9.48 24.56
N LEU A 286 -13.77 9.03 25.75
CA LEU A 286 -14.76 7.93 25.90
C LEU A 286 -16.04 8.24 25.13
N GLN A 287 -16.48 9.51 25.12
CA GLN A 287 -17.72 9.88 24.42
C GLN A 287 -17.52 9.75 22.91
N CYS A 288 -16.32 10.03 22.40
CA CYS A 288 -16.02 9.87 20.95
C CYS A 288 -16.10 8.39 20.58
N TRP A 289 -15.94 7.46 21.53
CA TRP A 289 -16.00 5.99 21.29
C TRP A 289 -17.34 5.34 21.74
N LYS A 290 -18.40 6.10 21.96
CA LYS A 290 -19.74 5.49 22.14
C LYS A 290 -20.03 4.56 20.95
N GLN A 291 -20.62 3.39 21.23
CA GLN A 291 -21.03 2.42 20.20
C GLN A 291 -22.01 3.11 19.26
N GLU A 292 -23.00 3.81 19.80
CA GLU A 292 -24.06 4.43 18.95
C GLU A 292 -23.52 5.74 18.39
N PRO A 293 -23.33 5.88 17.05
CA PRO A 293 -22.83 7.14 16.47
C PRO A 293 -23.59 8.40 16.93
N ASP A 294 -24.92 8.30 17.11
CA ASP A 294 -25.81 9.42 17.54
C ASP A 294 -25.41 9.93 18.92
N LYS A 295 -24.75 9.14 19.76
CA LYS A 295 -24.41 9.50 21.15
C LYS A 295 -23.03 10.15 21.25
N ARG A 296 -22.22 10.08 20.19
CA ARG A 296 -20.90 10.77 20.14
C ARG A 296 -21.16 12.26 20.06
N PRO A 297 -20.21 13.12 20.52
CA PRO A 297 -20.30 14.56 20.27
C PRO A 297 -20.13 14.88 18.79
N VAL A 298 -20.68 16.00 18.33
CA VAL A 298 -20.28 16.59 17.01
C VAL A 298 -18.99 17.41 17.20
N PHE A 299 -18.37 17.87 16.11
CA PHE A 299 -17.08 18.60 16.22
C PHE A 299 -17.27 19.94 16.94
N ALA A 300 -18.38 20.66 16.73
CA ALA A 300 -18.72 21.90 17.47
C ALA A 300 -18.68 21.63 18.99
N ASP A 301 -19.13 20.45 19.44
CA ASP A 301 -19.18 20.13 20.89
C ASP A 301 -17.75 19.86 21.36
N ILE A 302 -16.98 19.15 20.53
CA ILE A 302 -15.57 18.84 20.86
C ILE A 302 -14.82 20.17 20.92
N SER A 303 -15.05 21.06 19.96
CA SER A 303 -14.40 22.40 19.92
C SER A 303 -14.77 23.16 21.22
N LYS A 304 -16.06 23.19 21.60
CA LYS A 304 -16.55 23.91 22.80
C LYS A 304 -15.90 23.37 24.08
N ASP A 305 -15.77 22.04 24.24
CA ASP A 305 -15.13 21.43 25.43
C ASP A 305 -13.67 21.88 25.57
N LEU A 306 -12.99 22.14 24.45
CA LEU A 306 -11.56 22.57 24.47
C LEU A 306 -11.51 24.09 24.63
N GLU A 307 -12.41 24.87 24.04
CA GLU A 307 -12.59 26.32 24.35
C GLU A 307 -12.84 26.51 25.87
N LYS A 308 -13.70 25.69 26.50
CA LYS A 308 -14.05 25.80 27.94
C LYS A 308 -12.86 25.37 28.80
N MET A 309 -12.22 24.24 28.50
CA MET A 309 -10.93 23.89 29.18
C MET A 309 -10.05 25.13 29.14
N MET A 310 -9.87 25.74 27.95
CA MET A 310 -8.89 26.86 27.76
C MET A 310 -9.20 27.96 28.77
N VAL A 311 -10.35 28.66 28.69
CA VAL A 311 -10.71 29.78 29.62
C VAL A 311 -10.54 29.34 31.08
N LYS A 312 -10.85 28.07 31.43
CA LYS A 312 -10.70 27.53 32.81
C LYS A 312 -9.26 27.07 33.06
N ARG A 313 -8.25 27.83 32.60
CA ARG A 313 -6.80 27.59 32.84
C ARG A 313 -6.59 26.16 33.32
N ASP B 15 -8.80 -24.37 11.90
CA ASP B 15 -8.58 -25.61 11.13
C ASP B 15 -7.46 -26.43 11.76
N PRO B 16 -7.81 -27.57 12.39
CA PRO B 16 -6.84 -28.51 12.95
C PRO B 16 -5.77 -29.08 12.00
N LYS B 17 -6.09 -29.14 10.71
CA LYS B 17 -5.14 -29.57 9.66
C LYS B 17 -3.94 -28.60 9.63
N TRP B 18 -4.12 -27.33 10.04
CA TRP B 18 -3.16 -26.22 9.74
C TRP B 18 -2.70 -25.58 11.03
N GLU B 19 -3.55 -25.53 12.04
CA GLU B 19 -3.27 -24.82 13.32
C GLU B 19 -1.96 -25.41 13.88
N PHE B 20 -1.08 -24.53 14.35
CA PHE B 20 0.24 -24.90 14.91
C PHE B 20 0.33 -24.31 16.30
N PRO B 21 0.94 -25.01 17.29
CA PRO B 21 1.14 -24.46 18.63
C PRO B 21 2.10 -23.26 18.64
N ARG B 22 1.63 -22.13 19.16
CA ARG B 22 2.34 -20.86 19.11
C ARG B 22 3.67 -20.99 19.88
N LYS B 23 3.72 -21.79 20.94
CA LYS B 23 4.91 -21.91 21.80
C LYS B 23 6.02 -22.67 21.06
N ASN B 24 5.72 -23.34 19.95
CA ASN B 24 6.71 -24.16 19.18
C ASN B 24 7.28 -23.31 18.04
N LEU B 25 6.87 -22.05 17.92
CA LEU B 25 7.33 -21.11 16.87
C LEU B 25 8.16 -19.99 17.53
N VAL B 26 9.32 -19.68 16.95
CA VAL B 26 10.27 -18.66 17.43
C VAL B 26 10.58 -17.77 16.22
N LEU B 27 10.33 -16.48 16.37
CA LEU B 27 10.44 -15.45 15.32
C LEU B 27 11.80 -14.79 15.45
N GLY B 28 12.43 -14.50 14.31
CA GLY B 28 13.69 -13.77 14.27
C GLY B 28 13.59 -12.62 13.33
N LYS B 29 14.66 -12.37 12.57
CA LYS B 29 14.82 -11.08 11.84
C LYS B 29 13.75 -10.94 10.76
N THR B 30 13.46 -9.69 10.43
CA THR B 30 12.56 -9.32 9.34
C THR B 30 13.25 -9.59 8.02
N LEU B 31 12.62 -10.33 7.12
CA LEU B 31 13.15 -10.59 5.76
C LEU B 31 12.64 -9.54 4.77
N GLY B 32 11.44 -9.03 4.99
CA GLY B 32 10.80 -7.99 4.15
C GLY B 32 9.52 -7.45 4.77
N GLU B 33 9.13 -6.25 4.33
CA GLU B 33 8.03 -5.44 4.87
C GLU B 33 7.60 -4.48 3.76
N GLY B 34 6.31 -4.39 3.47
CA GLY B 34 5.81 -3.53 2.38
C GLY B 34 4.30 -3.63 2.26
N GLU B 35 3.78 -3.43 1.07
CA GLU B 35 2.31 -3.47 0.81
C GLU B 35 1.84 -4.92 1.03
N PHE B 36 2.68 -5.93 0.80
CA PHE B 36 2.36 -7.37 1.05
C PHE B 36 2.29 -7.72 2.54
N GLY B 37 2.76 -6.86 3.46
CA GLY B 37 2.74 -7.14 4.90
C GLY B 37 4.14 -7.32 5.44
N LYS B 38 4.32 -8.17 6.46
CA LYS B 38 5.64 -8.41 7.10
C LYS B 38 5.95 -9.91 7.01
N VAL B 39 7.21 -10.21 6.74
CA VAL B 39 7.73 -11.60 6.70
C VAL B 39 8.99 -11.60 7.54
N VAL B 40 9.06 -12.57 8.44
CA VAL B 40 10.24 -12.79 9.31
C VAL B 40 10.75 -14.21 9.07
N LYS B 41 12.05 -14.38 9.28
CA LYS B 41 12.70 -15.71 9.37
C LYS B 41 12.33 -16.26 10.74
N ALA B 42 12.10 -17.57 10.82
CA ALA B 42 11.63 -18.24 12.05
C ALA B 42 12.10 -19.68 12.09
N THR B 43 11.81 -20.33 13.20
CA THR B 43 12.03 -21.77 13.37
C THR B 43 10.76 -22.34 14.01
N ALA B 44 10.38 -23.55 13.60
CA ALA B 44 9.19 -24.27 14.10
C ALA B 44 9.66 -25.60 14.69
N PHE B 45 9.30 -25.89 15.95
CA PHE B 45 9.61 -27.14 16.67
C PHE B 45 8.50 -28.14 16.39
N HIS B 46 8.81 -29.35 15.93
CA HIS B 46 7.90 -30.49 15.72
C HIS B 46 6.85 -30.07 14.69
N LEU B 47 7.30 -29.53 13.56
CA LEU B 47 6.42 -29.08 12.47
C LEU B 47 6.07 -30.29 11.59
N LYS B 48 4.78 -30.56 11.39
CA LYS B 48 4.27 -31.62 10.46
C LYS B 48 5.11 -32.88 10.62
N GLY B 49 5.29 -33.35 11.84
CA GLY B 49 5.97 -34.63 12.13
C GLY B 49 7.49 -34.63 11.94
N ARG B 50 8.12 -33.53 11.50
CA ARG B 50 9.62 -33.40 11.44
C ARG B 50 10.11 -33.15 12.86
N ALA B 51 10.97 -34.02 13.39
CA ALA B 51 11.47 -33.92 14.77
C ALA B 51 12.45 -32.73 14.85
N GLY B 52 12.49 -32.06 15.99
CA GLY B 52 13.39 -30.91 16.16
C GLY B 52 12.86 -29.70 15.39
N TYR B 53 13.73 -28.77 15.05
CA TYR B 53 13.37 -27.42 14.59
C TYR B 53 13.53 -27.40 13.09
N THR B 54 12.61 -26.74 12.40
CA THR B 54 12.69 -26.50 10.95
C THR B 54 12.71 -25.00 10.71
N THR B 55 13.59 -24.53 9.84
CA THR B 55 13.69 -23.11 9.46
C THR B 55 12.54 -22.78 8.53
N VAL B 56 11.79 -21.71 8.84
CA VAL B 56 10.54 -21.38 8.10
C VAL B 56 10.52 -19.86 7.88
N ALA B 57 9.61 -19.38 7.05
CA ALA B 57 9.25 -17.96 6.99
C ALA B 57 7.89 -17.80 7.65
N VAL B 58 7.68 -16.71 8.39
CA VAL B 58 6.36 -16.44 9.00
C VAL B 58 5.84 -15.11 8.45
N LYS B 59 4.70 -15.16 7.76
CA LYS B 59 4.00 -13.95 7.30
C LYS B 59 3.02 -13.51 8.38
N MET B 60 2.98 -12.20 8.60
CA MET B 60 2.09 -11.57 9.59
C MET B 60 1.67 -10.19 9.08
N LEU B 61 0.75 -9.54 9.78
CA LEU B 61 0.34 -8.15 9.50
C LEU B 61 1.48 -7.21 9.95
N LYS B 62 1.81 -6.19 9.16
CA LYS B 62 2.67 -5.06 9.64
C LYS B 62 1.89 -4.20 10.64
N GLU B 63 2.62 -3.32 11.35
CA GLU B 63 2.08 -2.33 12.33
C GLU B 63 0.98 -1.51 11.64
N ASN B 64 -0.12 -1.23 12.34
CA ASN B 64 -1.21 -0.34 11.85
C ASN B 64 -1.87 -0.96 10.63
N ALA B 65 -2.08 -2.27 10.65
CA ALA B 65 -2.79 -3.02 9.61
C ALA B 65 -4.20 -2.45 9.42
N SER B 66 -4.66 -2.43 8.17
CA SER B 66 -6.03 -2.09 7.72
C SER B 66 -6.82 -3.37 7.51
N PRO B 67 -8.16 -3.27 7.46
CA PRO B 67 -9.00 -4.40 7.08
C PRO B 67 -8.53 -5.05 5.78
N SER B 68 -8.14 -4.28 4.77
CA SER B 68 -7.69 -4.87 3.49
C SER B 68 -6.51 -5.81 3.75
N GLU B 69 -5.52 -5.43 4.55
CA GLU B 69 -4.33 -6.27 4.84
C GLU B 69 -4.72 -7.54 5.61
N LEU B 70 -5.72 -7.47 6.49
CA LEU B 70 -6.20 -8.69 7.21
C LEU B 70 -6.97 -9.61 6.23
N ARG B 71 -7.74 -9.01 5.32
CA ARG B 71 -8.49 -9.78 4.30
C ARG B 71 -7.48 -10.46 3.39
N ASP B 72 -6.38 -9.80 3.05
CA ASP B 72 -5.36 -10.36 2.15
C ASP B 72 -4.62 -11.52 2.86
N LEU B 73 -4.25 -11.37 4.13
CA LEU B 73 -3.58 -12.44 4.90
C LEU B 73 -4.49 -13.66 4.92
N LEU B 74 -5.79 -13.47 5.19
CA LEU B 74 -6.76 -14.58 5.29
C LEU B 74 -6.95 -15.26 3.94
N SER B 75 -7.06 -14.47 2.87
CA SER B 75 -7.23 -14.94 1.47
C SER B 75 -6.07 -15.85 1.06
N GLU B 76 -4.85 -15.40 1.34
CA GLU B 76 -3.59 -16.13 1.15
C GLU B 76 -3.70 -17.49 1.86
N PHE B 77 -4.05 -17.48 3.15
CA PHE B 77 -4.23 -18.68 3.98
C PHE B 77 -5.19 -19.64 3.26
N ASN B 78 -6.33 -19.11 2.82
CA ASN B 78 -7.41 -19.86 2.16
C ASN B 78 -6.93 -20.46 0.83
N VAL B 79 -6.22 -19.70 0.00
CA VAL B 79 -5.74 -20.25 -1.29
C VAL B 79 -4.66 -21.32 -1.03
N LEU B 80 -3.71 -21.08 -0.13
CA LEU B 80 -2.50 -21.96 0.01
C LEU B 80 -2.83 -23.25 0.77
N LYS B 81 -3.90 -23.26 1.54
CA LYS B 81 -4.62 -24.46 2.05
C LYS B 81 -4.96 -25.40 0.89
N GLN B 82 -5.28 -24.91 -0.31
CA GLN B 82 -5.93 -25.74 -1.37
C GLN B 82 -4.95 -26.10 -2.49
N VAL B 83 -3.79 -25.45 -2.57
CA VAL B 83 -2.85 -25.61 -3.72
C VAL B 83 -1.51 -26.17 -3.26
N ASN B 84 -0.92 -26.99 -4.11
CA ASN B 84 0.35 -27.71 -3.85
C ASN B 84 1.02 -27.91 -5.21
N HIS B 85 2.17 -27.28 -5.39
CA HIS B 85 2.98 -27.31 -6.62
C HIS B 85 4.43 -27.03 -6.20
N PRO B 86 5.40 -27.76 -6.80
CA PRO B 86 6.82 -27.50 -6.60
C PRO B 86 7.33 -26.06 -6.81
N HIS B 87 6.60 -25.25 -7.57
CA HIS B 87 6.98 -23.86 -7.88
C HIS B 87 5.92 -22.88 -7.32
N VAL B 88 5.17 -23.31 -6.30
CA VAL B 88 4.31 -22.40 -5.49
C VAL B 88 4.75 -22.54 -4.04
N ILE B 89 5.00 -21.42 -3.37
CA ILE B 89 5.57 -21.45 -2.00
C ILE B 89 4.59 -22.24 -1.11
N LYS B 90 5.10 -23.04 -0.19
CA LYS B 90 4.28 -23.98 0.61
C LYS B 90 3.82 -23.31 1.90
N LEU B 91 2.54 -23.45 2.20
CA LEU B 91 2.06 -23.17 3.56
C LEU B 91 2.31 -24.44 4.40
N TYR B 92 2.86 -24.32 5.61
CA TYR B 92 3.00 -25.43 6.57
C TYR B 92 1.99 -25.31 7.72
N GLY B 93 1.49 -24.11 8.04
CA GLY B 93 0.64 -23.94 9.21
C GLY B 93 0.31 -22.50 9.49
N ALA B 94 -0.40 -22.27 10.59
CA ALA B 94 -0.88 -20.95 11.03
C ALA B 94 -1.03 -20.99 12.53
N CYS B 95 -0.81 -19.85 13.18
CA CYS B 95 -1.15 -19.55 14.59
C CYS B 95 -2.22 -18.47 14.51
N SER B 96 -3.46 -18.85 14.74
CA SER B 96 -4.66 -18.01 14.45
C SER B 96 -5.50 -17.85 15.71
N GLN B 97 -4.97 -18.16 16.88
CA GLN B 97 -5.73 -18.18 18.16
C GLN B 97 -4.90 -17.44 19.20
N ASP B 98 -5.51 -16.54 19.98
CA ASP B 98 -4.89 -15.96 21.19
C ASP B 98 -3.57 -15.27 20.79
N GLY B 99 -3.64 -14.36 19.82
CA GLY B 99 -2.46 -13.61 19.32
C GLY B 99 -2.60 -13.23 17.85
N PRO B 100 -1.58 -12.59 17.25
CA PRO B 100 -1.63 -12.14 15.85
C PRO B 100 -1.71 -13.32 14.90
N LEU B 101 -2.41 -13.21 13.76
CA LEU B 101 -2.41 -14.28 12.75
C LEU B 101 -0.98 -14.40 12.17
N LEU B 102 -0.42 -15.60 12.21
CA LEU B 102 0.90 -15.93 11.63
C LEU B 102 0.70 -17.07 10.63
N LEU B 103 1.19 -16.91 9.40
CA LEU B 103 1.23 -17.99 8.43
C LEU B 103 2.67 -18.51 8.40
N ILE B 104 2.83 -19.81 8.62
CA ILE B 104 4.16 -20.50 8.60
C ILE B 104 4.34 -21.03 7.19
N MET B 105 5.40 -20.58 6.53
CA MET B 105 5.65 -20.92 5.12
C MET B 105 7.04 -21.53 4.89
N GLU B 106 7.17 -22.17 3.74
CA GLU B 106 8.42 -22.66 3.14
C GLU B 106 9.42 -21.50 3.13
N TYR B 107 10.62 -21.71 3.67
CA TYR B 107 11.70 -20.69 3.68
C TYR B 107 12.46 -20.74 2.35
N ALA B 108 12.61 -19.59 1.71
CA ALA B 108 13.29 -19.45 0.41
C ALA B 108 14.61 -18.70 0.61
N LYS B 109 15.72 -19.42 0.65
CA LYS B 109 16.95 -18.88 1.28
C LYS B 109 17.58 -17.78 0.42
N TYR B 110 17.28 -17.70 -0.88
CA TYR B 110 17.89 -16.69 -1.76
C TYR B 110 17.02 -15.42 -1.83
N GLY B 111 15.83 -15.39 -1.24
CA GLY B 111 14.97 -14.17 -1.20
C GLY B 111 14.23 -13.99 -2.52
N SER B 112 13.88 -12.77 -2.89
CA SER B 112 13.05 -12.49 -4.08
C SER B 112 13.87 -12.80 -5.33
N LEU B 113 13.21 -13.14 -6.45
CA LEU B 113 13.88 -13.29 -7.76
C LEU B 113 14.48 -11.95 -8.20
N ARG B 114 13.72 -10.88 -8.03
CA ARG B 114 14.22 -9.54 -8.39
C ARG B 114 15.55 -9.33 -7.65
N GLY B 115 15.56 -9.51 -6.31
CA GLY B 115 16.77 -9.31 -5.49
C GLY B 115 17.90 -10.19 -6.00
N PHE B 116 17.60 -11.45 -6.27
CA PHE B 116 18.60 -12.46 -6.70
C PHE B 116 19.24 -12.06 -8.02
N LEU B 117 18.40 -11.66 -8.99
CA LEU B 117 18.89 -11.26 -10.33
C LEU B 117 19.74 -9.99 -10.19
N ARG B 118 19.29 -9.03 -9.38
CA ARG B 118 19.99 -7.75 -9.20
C ARG B 118 21.35 -8.03 -8.54
N GLU B 119 21.41 -8.86 -7.50
CA GLU B 119 22.68 -9.24 -6.85
C GLU B 119 23.63 -9.81 -7.92
N SER B 120 23.13 -10.51 -8.95
CA SER B 120 23.97 -11.19 -9.99
C SER B 120 24.71 -10.18 -10.89
N ARG B 121 24.36 -8.89 -10.89
CA ARG B 121 25.09 -7.83 -11.65
C ARG B 121 26.41 -7.50 -10.93
N LYS B 122 26.50 -7.90 -9.68
CA LYS B 122 27.45 -7.37 -8.67
C LYS B 122 28.28 -8.52 -8.07
N VAL B 123 27.67 -9.70 -7.91
CA VAL B 123 28.22 -10.90 -7.22
C VAL B 123 28.65 -11.90 -8.30
N GLY B 124 29.94 -12.23 -8.34
CA GLY B 124 30.51 -13.20 -9.29
C GLY B 124 29.98 -14.59 -8.96
N PRO B 125 30.03 -15.55 -9.89
CA PRO B 125 30.50 -15.29 -11.25
C PRO B 125 29.58 -14.36 -12.06
N GLY B 126 28.32 -14.24 -11.65
CA GLY B 126 27.36 -13.31 -12.27
C GLY B 126 26.76 -13.88 -13.54
N TYR B 127 26.28 -13.02 -14.44
CA TYR B 127 25.61 -13.44 -15.69
C TYR B 127 26.67 -13.66 -16.79
N LEU B 128 26.61 -14.80 -17.47
CA LEU B 128 27.66 -15.23 -18.44
C LEU B 128 27.17 -15.32 -19.90
N GLY B 129 26.00 -14.78 -20.27
CA GLY B 129 25.60 -14.56 -21.68
C GLY B 129 25.11 -15.82 -22.37
N ASP B 143 27.45 -23.87 -9.58
CA ASP B 143 27.63 -22.59 -8.84
C ASP B 143 26.33 -21.76 -8.91
N GLU B 144 25.71 -21.50 -7.74
CA GLU B 144 24.37 -20.87 -7.61
C GLU B 144 24.40 -19.40 -8.07
N ARG B 145 25.58 -18.77 -8.08
CA ARG B 145 25.78 -17.34 -8.46
C ARG B 145 26.18 -17.20 -9.95
N ALA B 146 26.47 -18.30 -10.63
CA ALA B 146 26.76 -18.33 -12.08
C ALA B 146 25.43 -18.46 -12.82
N LEU B 147 25.15 -17.54 -13.72
CA LEU B 147 23.88 -17.52 -14.50
C LEU B 147 24.16 -17.46 -15.99
N THR B 148 23.46 -18.28 -16.76
CA THR B 148 23.47 -18.17 -18.23
C THR B 148 22.05 -17.88 -18.70
N MET B 149 21.87 -17.62 -19.98
CA MET B 149 20.53 -17.47 -20.57
C MET B 149 19.74 -18.77 -20.31
N GLY B 150 20.39 -19.94 -20.26
CA GLY B 150 19.72 -21.22 -19.98
C GLY B 150 19.03 -21.20 -18.63
N ASP B 151 19.75 -20.76 -17.59
CA ASP B 151 19.25 -20.54 -16.21
C ASP B 151 18.02 -19.62 -16.26
N LEU B 152 18.12 -18.47 -16.97
CA LEU B 152 17.01 -17.47 -16.99
C LEU B 152 15.77 -18.13 -17.61
N ILE B 153 15.94 -18.90 -18.67
CA ILE B 153 14.82 -19.51 -19.43
C ILE B 153 14.19 -20.56 -18.51
N SER B 154 15.03 -21.26 -17.74
CA SER B 154 14.60 -22.27 -16.76
C SER B 154 13.77 -21.60 -15.64
N PHE B 155 14.18 -20.43 -15.15
CA PHE B 155 13.44 -19.71 -14.09
C PHE B 155 12.03 -19.42 -14.60
N ALA B 156 11.93 -18.86 -15.81
CA ALA B 156 10.66 -18.46 -16.45
C ALA B 156 9.80 -19.69 -16.68
N TRP B 157 10.42 -20.81 -17.11
CA TRP B 157 9.74 -22.11 -17.34
C TRP B 157 9.16 -22.65 -16.02
N GLN B 158 9.92 -22.65 -14.94
CA GLN B 158 9.40 -23.07 -13.61
C GLN B 158 8.17 -22.20 -13.22
N ILE B 159 8.25 -20.90 -13.41
CA ILE B 159 7.13 -19.99 -13.03
C ILE B 159 5.91 -20.30 -13.90
N SER B 160 6.12 -20.55 -15.20
CA SER B 160 5.04 -20.87 -16.17
C SER B 160 4.26 -22.11 -15.72
N GLN B 161 5.00 -23.14 -15.27
CA GLN B 161 4.43 -24.43 -14.80
C GLN B 161 3.58 -24.15 -13.55
N GLY B 162 4.11 -23.41 -12.58
CA GLY B 162 3.34 -22.98 -11.41
C GLY B 162 2.06 -22.28 -11.83
N MET B 163 2.16 -21.30 -12.72
CA MET B 163 0.98 -20.50 -13.17
C MET B 163 0.05 -21.42 -13.95
N GLN B 164 0.59 -22.42 -14.66
CA GLN B 164 -0.26 -23.29 -15.49
C GLN B 164 -1.21 -24.01 -14.53
N TYR B 165 -0.65 -24.55 -13.43
CA TYR B 165 -1.38 -25.26 -12.34
C TYR B 165 -2.43 -24.32 -11.66
N LEU B 166 -1.98 -23.16 -11.20
CA LEU B 166 -2.86 -22.09 -10.65
C LEU B 166 -4.02 -21.80 -11.61
N ALA B 167 -3.81 -21.61 -12.92
CA ALA B 167 -4.92 -21.40 -13.90
C ALA B 167 -5.86 -22.63 -13.92
N GLU B 168 -5.33 -23.85 -13.88
CA GLU B 168 -6.16 -25.07 -13.81
C GLU B 168 -7.01 -25.03 -12.53
N MET B 169 -6.45 -24.51 -11.45
CA MET B 169 -7.14 -24.40 -10.15
C MET B 169 -8.11 -23.21 -10.20
N LYS B 170 -8.29 -22.56 -11.35
CA LYS B 170 -9.25 -21.43 -11.53
C LYS B 170 -8.90 -20.24 -10.65
N LEU B 171 -7.61 -19.98 -10.49
CA LEU B 171 -7.08 -18.85 -9.69
C LEU B 171 -6.42 -17.85 -10.63
N VAL B 172 -6.72 -16.57 -10.44
CA VAL B 172 -5.94 -15.44 -11.01
C VAL B 172 -5.09 -14.88 -9.89
N HIS B 173 -3.78 -14.77 -10.13
CA HIS B 173 -2.79 -14.38 -9.11
C HIS B 173 -2.84 -12.84 -8.95
N ARG B 174 -2.84 -12.15 -10.09
CA ARG B 174 -3.02 -10.69 -10.33
C ARG B 174 -1.73 -9.92 -10.02
N ASP B 175 -0.83 -10.46 -9.19
CA ASP B 175 0.38 -9.73 -8.73
C ASP B 175 1.67 -10.45 -9.14
N LEU B 176 1.72 -10.99 -10.34
CA LEU B 176 2.91 -11.69 -10.87
C LEU B 176 3.97 -10.62 -11.21
N ALA B 177 5.17 -10.75 -10.66
CA ALA B 177 6.27 -9.77 -10.78
C ALA B 177 7.50 -10.39 -10.16
N ALA B 178 8.69 -10.03 -10.57
CA ALA B 178 9.95 -10.64 -10.09
C ALA B 178 10.07 -10.44 -8.56
N ARG B 179 9.52 -9.36 -8.03
CA ARG B 179 9.58 -9.05 -6.57
C ARG B 179 8.72 -10.05 -5.79
N ASN B 180 7.73 -10.69 -6.44
CA ASN B 180 6.72 -11.58 -5.80
C ASN B 180 6.95 -13.04 -6.21
N ILE B 181 8.17 -13.36 -6.62
CA ILE B 181 8.66 -14.75 -6.81
C ILE B 181 9.83 -14.90 -5.83
N LEU B 182 9.99 -16.09 -5.25
CA LEU B 182 11.04 -16.37 -4.28
C LEU B 182 12.00 -17.38 -4.90
N VAL B 183 13.24 -17.38 -4.44
CA VAL B 183 14.27 -18.32 -4.96
C VAL B 183 14.73 -19.15 -3.76
N ALA B 184 14.51 -20.45 -3.80
CA ALA B 184 14.66 -21.37 -2.66
C ALA B 184 15.78 -22.36 -2.98
N GLU B 185 16.06 -23.25 -2.05
CA GLU B 185 17.13 -24.28 -2.10
C GLU B 185 17.21 -24.82 -3.53
N GLY B 186 18.40 -24.89 -4.13
CA GLY B 186 18.61 -25.45 -5.48
C GLY B 186 18.22 -24.44 -6.55
N ARG B 187 18.08 -23.17 -6.16
CA ARG B 187 17.59 -22.07 -7.03
C ARG B 187 16.27 -22.47 -7.69
N LYS B 188 15.33 -23.01 -6.93
CA LYS B 188 13.97 -23.33 -7.39
C LYS B 188 13.08 -22.08 -7.26
N MET B 189 12.32 -21.77 -8.31
CA MET B 189 11.35 -20.66 -8.29
C MET B 189 10.13 -21.08 -7.45
N LYS B 190 9.66 -20.16 -6.57
CA LYS B 190 8.43 -20.33 -5.74
C LYS B 190 7.54 -19.11 -5.93
N ILE B 191 6.42 -19.22 -6.65
CA ILE B 191 5.44 -18.10 -6.73
C ILE B 191 4.97 -17.83 -5.30
N SER B 192 4.94 -16.57 -4.89
CA SER B 192 4.56 -16.11 -3.54
C SER B 192 3.51 -14.99 -3.70
N ASP B 193 3.11 -14.38 -2.59
CA ASP B 193 2.26 -13.15 -2.54
C ASP B 193 0.89 -13.45 -3.17
N PHE B 194 0.09 -14.21 -2.44
CA PHE B 194 -1.25 -14.71 -2.84
C PHE B 194 -2.37 -13.82 -2.27
N GLY B 195 -2.04 -12.74 -1.57
CA GLY B 195 -3.01 -11.82 -0.94
C GLY B 195 -4.04 -11.26 -1.91
N LEU B 196 -3.65 -11.01 -3.16
CA LEU B 196 -4.52 -10.38 -4.17
C LEU B 196 -5.12 -11.43 -5.10
N SER B 197 -4.81 -12.71 -4.88
CA SER B 197 -5.24 -13.78 -5.82
C SER B 197 -6.75 -14.03 -5.62
N ARG B 198 -7.47 -14.34 -6.68
CA ARG B 198 -8.94 -14.43 -6.65
C ARG B 198 -9.36 -15.65 -7.46
N ASP B 199 -10.42 -16.25 -7.00
CA ASP B 199 -11.13 -17.39 -7.63
C ASP B 199 -11.84 -16.86 -8.87
N VAL B 200 -11.82 -17.57 -9.97
CA VAL B 200 -12.63 -17.20 -11.15
C VAL B 200 -13.49 -18.40 -11.56
N TYR B 201 -13.84 -19.31 -10.67
CA TYR B 201 -14.66 -20.49 -11.07
C TYR B 201 -15.87 -20.04 -11.92
N GLU B 202 -16.54 -18.90 -11.65
CA GLU B 202 -17.68 -18.45 -12.51
C GLU B 202 -17.33 -17.22 -13.38
N GLU B 203 -17.31 -17.46 -14.69
CA GLU B 203 -17.15 -16.52 -15.84
C GLU B 203 -15.67 -16.47 -16.22
N ASP B 204 -14.81 -17.08 -15.42
CA ASP B 204 -13.35 -17.12 -15.70
C ASP B 204 -12.83 -15.67 -15.76
N SER B 205 -13.46 -14.74 -15.02
CA SER B 205 -12.92 -13.37 -14.79
C SER B 205 -13.20 -12.93 -13.36
N TYR B 206 -12.31 -12.11 -12.83
CA TYR B 206 -12.50 -11.39 -11.55
C TYR B 206 -12.53 -9.91 -11.88
N VAL B 207 -13.61 -9.26 -11.45
CA VAL B 207 -13.87 -7.82 -11.74
C VAL B 207 -14.01 -7.10 -10.40
N LYS B 208 -13.38 -5.96 -10.32
CA LYS B 208 -13.30 -5.10 -9.12
C LYS B 208 -13.87 -3.75 -9.55
N ARG B 209 -14.88 -3.26 -8.86
CA ARG B 209 -15.51 -1.94 -9.11
C ARG B 209 -14.47 -0.83 -8.91
N SER B 210 -13.73 -0.89 -7.81
CA SER B 210 -12.77 0.13 -7.32
C SER B 210 -11.35 -0.13 -7.86
N GLN B 211 -10.42 0.78 -7.55
CA GLN B 211 -9.05 0.76 -8.13
C GLN B 211 -8.22 -0.26 -7.36
N GLY B 212 -7.46 -1.09 -8.07
CA GLY B 212 -6.67 -2.13 -7.42
C GLY B 212 -5.35 -1.61 -6.86
N ARG B 213 -4.63 -2.51 -6.18
CA ARG B 213 -3.36 -2.22 -5.49
C ARG B 213 -2.22 -2.91 -6.25
N ILE B 214 -2.45 -3.34 -7.49
CA ILE B 214 -1.33 -3.88 -8.34
C ILE B 214 -0.63 -2.69 -9.00
N PRO B 215 0.71 -2.59 -8.87
CA PRO B 215 1.47 -1.57 -9.59
C PRO B 215 1.05 -1.49 -11.06
N VAL B 216 0.75 -0.29 -11.54
CA VAL B 216 0.25 -0.04 -12.94
C VAL B 216 1.11 -0.80 -13.96
N LYS B 217 2.43 -0.80 -13.80
CA LYS B 217 3.37 -1.22 -14.88
C LYS B 217 3.34 -2.73 -15.07
N TRP B 218 2.65 -3.50 -14.22
CA TRP B 218 2.56 -4.97 -14.35
C TRP B 218 1.16 -5.37 -14.84
N MET B 219 0.26 -4.39 -14.97
CA MET B 219 -1.18 -4.67 -15.22
C MET B 219 -1.45 -4.79 -16.73
N ALA B 220 -2.24 -5.76 -17.14
CA ALA B 220 -2.73 -5.85 -18.51
C ALA B 220 -3.59 -4.63 -18.80
N ILE B 221 -3.70 -4.31 -20.08
CA ILE B 221 -4.46 -3.14 -20.58
C ILE B 221 -5.92 -3.25 -20.12
N GLU B 222 -6.56 -4.42 -20.22
CA GLU B 222 -8.00 -4.59 -19.86
C GLU B 222 -8.15 -4.53 -18.32
N SER B 223 -7.12 -4.84 -17.54
CA SER B 223 -7.16 -4.75 -16.06
C SER B 223 -7.10 -3.27 -15.66
N LEU B 224 -6.23 -2.52 -16.33
CA LEU B 224 -5.99 -1.09 -16.11
C LEU B 224 -7.22 -0.26 -16.55
N PHE B 225 -7.74 -0.42 -17.76
CA PHE B 225 -8.92 0.35 -18.22
C PHE B 225 -10.22 -0.22 -17.66
N ASP B 226 -10.41 -1.54 -17.66
CA ASP B 226 -11.75 -2.18 -17.57
C ASP B 226 -11.90 -2.97 -16.27
N HIS B 227 -10.85 -3.03 -15.45
CA HIS B 227 -10.85 -3.71 -14.13
C HIS B 227 -11.14 -5.22 -14.28
N ILE B 228 -10.77 -5.80 -15.42
CA ILE B 228 -10.99 -7.25 -15.69
C ILE B 228 -9.68 -7.99 -15.45
N THR B 230 -8.14 -11.90 -15.66
CA THR B 230 -8.31 -13.29 -16.06
C THR B 230 -6.97 -14.02 -16.02
N THR B 231 -6.93 -15.29 -16.44
CA THR B 231 -5.65 -15.99 -16.60
C THR B 231 -4.86 -15.25 -17.68
N GLN B 232 -5.55 -14.68 -18.67
CA GLN B 232 -4.92 -13.94 -19.80
C GLN B 232 -4.32 -12.61 -19.31
N SER B 233 -4.83 -12.00 -18.24
CA SER B 233 -4.15 -10.82 -17.64
C SER B 233 -2.94 -11.30 -16.83
N ASP B 234 -2.99 -12.48 -16.23
CA ASP B 234 -1.75 -13.07 -15.62
C ASP B 234 -0.69 -13.30 -16.72
N VAL B 235 -1.08 -13.63 -17.94
CA VAL B 235 -0.14 -13.88 -19.07
C VAL B 235 0.58 -12.57 -19.43
N TRP B 236 -0.18 -11.47 -19.45
CA TRP B 236 0.40 -10.13 -19.67
C TRP B 236 1.47 -9.86 -18.61
N SER B 237 1.13 -10.00 -17.33
CA SER B 237 2.06 -9.79 -16.20
C SER B 237 3.29 -10.70 -16.33
N PHE B 238 3.09 -11.94 -16.79
CA PHE B 238 4.21 -12.91 -17.02
C PHE B 238 5.17 -12.34 -18.06
N GLY B 239 4.67 -11.69 -19.11
CA GLY B 239 5.50 -11.06 -20.13
C GLY B 239 6.40 -9.99 -19.53
N VAL B 240 5.84 -9.16 -18.64
CA VAL B 240 6.59 -8.16 -17.85
C VAL B 240 7.67 -8.87 -17.04
N LEU B 241 7.31 -9.93 -16.32
CA LEU B 241 8.27 -10.73 -15.51
C LEU B 241 9.39 -11.26 -16.43
N LEU B 242 9.06 -11.66 -17.65
CA LEU B 242 10.05 -12.15 -18.65
C LEU B 242 11.06 -11.04 -18.94
N TRP B 243 10.57 -9.82 -19.15
CA TRP B 243 11.42 -8.63 -19.41
C TRP B 243 12.28 -8.36 -18.16
N GLU B 244 11.72 -8.52 -16.96
CA GLU B 244 12.47 -8.36 -15.69
C GLU B 244 13.58 -9.44 -15.62
N ILE B 245 13.27 -10.67 -16.03
CA ILE B 245 14.26 -11.78 -15.86
C ILE B 245 15.44 -11.47 -16.80
N VAL B 246 15.19 -11.20 -18.08
CA VAL B 246 16.29 -11.07 -19.07
C VAL B 246 17.10 -9.78 -18.80
N THR B 247 16.51 -8.77 -18.18
CA THR B 247 17.24 -7.53 -17.84
C THR B 247 17.91 -7.69 -16.46
N LEU B 248 17.89 -8.89 -15.88
CA LEU B 248 18.49 -9.17 -14.52
C LEU B 248 17.92 -8.20 -13.49
N GLY B 249 16.58 -8.04 -13.51
CA GLY B 249 15.86 -7.27 -12.49
C GLY B 249 15.75 -5.82 -12.88
N GLY B 250 15.61 -5.54 -14.18
CA GLY B 250 15.38 -4.17 -14.65
C GLY B 250 14.00 -3.67 -14.26
N ASN B 251 13.81 -2.35 -14.27
CA ASN B 251 12.56 -1.63 -13.97
C ASN B 251 11.78 -1.41 -15.24
N PRO B 252 10.58 -2.00 -15.33
CA PRO B 252 9.78 -1.88 -16.55
C PRO B 252 9.49 -0.43 -16.92
N TYR B 253 9.29 -0.15 -18.21
CA TYR B 253 8.97 1.20 -18.72
C TYR B 253 9.81 2.23 -17.96
N PRO B 254 11.15 2.06 -17.99
CA PRO B 254 12.06 2.87 -17.18
C PRO B 254 11.97 4.36 -17.55
N GLY B 255 11.79 5.23 -16.57
CA GLY B 255 11.71 6.68 -16.76
C GLY B 255 10.28 7.12 -17.08
N ILE B 256 9.38 6.17 -17.33
CA ILE B 256 8.00 6.53 -17.75
C ILE B 256 7.10 6.60 -16.51
N PRO B 257 6.49 7.77 -16.24
CA PRO B 257 5.54 7.86 -15.15
C PRO B 257 4.38 6.92 -15.42
N PRO B 258 3.90 6.25 -14.36
CA PRO B 258 2.83 5.26 -14.47
C PRO B 258 1.55 5.79 -15.11
N GLU B 259 1.19 7.05 -14.83
CA GLU B 259 -0.05 7.66 -15.38
C GLU B 259 0.07 7.78 -16.91
N ARG B 260 1.29 7.72 -17.45
CA ARG B 260 1.50 7.78 -18.92
C ARG B 260 1.11 6.45 -19.56
N LEU B 261 0.96 5.38 -18.77
CA LEU B 261 0.77 4.03 -19.40
C LEU B 261 -0.63 3.88 -19.98
N PHE B 262 -1.59 4.67 -19.54
CA PHE B 262 -2.94 4.60 -20.14
C PHE B 262 -2.81 4.86 -21.63
N ASN B 263 -2.27 6.03 -22.00
CA ASN B 263 -2.14 6.43 -23.43
C ASN B 263 -1.12 5.55 -24.17
N LEU B 264 0.06 5.34 -23.59
CA LEU B 264 1.17 4.51 -24.16
C LEU B 264 0.62 3.14 -24.57
N LEU B 265 -0.17 2.43 -23.75
CA LEU B 265 -0.62 1.06 -24.10
C LEU B 265 -1.74 1.08 -25.15
N LYS B 266 -2.64 2.08 -25.11
CA LYS B 266 -3.86 2.08 -25.98
C LYS B 266 -3.47 2.46 -27.41
N THR B 267 -2.37 3.17 -27.60
CA THR B 267 -1.83 3.55 -28.91
C THR B 267 -0.86 2.46 -29.39
N GLY B 268 -0.75 1.35 -28.67
CA GLY B 268 -0.04 0.15 -29.16
C GLY B 268 1.43 0.12 -28.83
N HIS B 269 1.94 1.01 -27.99
CA HIS B 269 3.37 0.92 -27.53
C HIS B 269 3.56 -0.20 -26.50
N ARG B 270 4.72 -0.85 -26.61
CA ARG B 270 5.17 -1.92 -25.67
C ARG B 270 6.64 -1.62 -25.42
N MET B 271 7.19 -2.08 -24.30
CA MET B 271 8.64 -2.07 -24.03
C MET B 271 9.41 -2.67 -25.22
N GLU B 272 10.58 -2.09 -25.49
CA GLU B 272 11.55 -2.48 -26.54
C GLU B 272 12.23 -3.80 -26.15
N ARG B 273 12.70 -4.52 -27.15
CA ARG B 273 13.61 -5.67 -26.95
C ARG B 273 14.83 -5.22 -26.14
N PRO B 274 15.03 -5.72 -24.91
CA PRO B 274 16.27 -5.43 -24.18
C PRO B 274 17.50 -6.16 -24.75
N ASP B 275 18.70 -5.68 -24.43
CA ASP B 275 20.00 -6.08 -25.06
C ASP B 275 20.27 -7.59 -24.91
N ASN B 276 19.87 -8.16 -23.78
CA ASN B 276 20.21 -9.56 -23.38
C ASN B 276 19.08 -10.54 -23.80
N CYS B 277 18.43 -10.37 -24.95
CA CYS B 277 17.12 -11.03 -25.27
C CYS B 277 17.13 -11.56 -26.70
N SER B 278 16.89 -12.85 -26.92
CA SER B 278 16.73 -13.43 -28.28
C SER B 278 15.48 -12.85 -28.93
N GLU B 279 15.38 -13.00 -30.25
CA GLU B 279 14.19 -12.61 -31.06
C GLU B 279 13.00 -13.47 -30.58
N GLU B 280 13.23 -14.76 -30.35
CA GLU B 280 12.18 -15.73 -29.96
C GLU B 280 11.61 -15.31 -28.61
N MET B 281 12.47 -14.92 -27.66
CA MET B 281 12.07 -14.52 -26.30
C MET B 281 11.28 -13.22 -26.41
N TYR B 282 11.66 -12.30 -27.31
CA TYR B 282 11.01 -10.98 -27.42
C TYR B 282 9.64 -11.17 -28.07
N ARG B 283 9.56 -12.10 -29.02
CA ARG B 283 8.31 -12.46 -29.70
C ARG B 283 7.33 -13.04 -28.65
N LEU B 284 7.81 -13.90 -27.75
CA LEU B 284 6.97 -14.42 -26.64
C LEU B 284 6.45 -13.25 -25.76
N MET B 285 7.29 -12.30 -25.35
CA MET B 285 6.86 -11.10 -24.60
C MET B 285 5.77 -10.36 -25.39
N LEU B 286 6.06 -9.92 -26.62
CA LEU B 286 5.05 -9.23 -27.47
C LEU B 286 3.73 -10.01 -27.54
N GLN B 287 3.75 -11.33 -27.64
CA GLN B 287 2.52 -12.20 -27.69
C GLN B 287 1.75 -12.07 -26.35
N CYS B 288 2.45 -12.04 -25.21
CA CYS B 288 1.82 -11.86 -23.87
C CYS B 288 1.20 -10.46 -23.77
N TRP B 289 1.66 -9.47 -24.56
CA TRP B 289 1.12 -8.09 -24.47
C TRP B 289 0.17 -7.72 -25.63
N LYS B 290 -0.37 -8.72 -26.35
CA LYS B 290 -1.41 -8.44 -27.37
C LYS B 290 -2.53 -7.67 -26.68
N GLN B 291 -3.07 -6.65 -27.33
CA GLN B 291 -4.27 -5.94 -26.81
C GLN B 291 -5.39 -6.96 -26.54
N GLU B 292 -5.72 -7.83 -27.50
CA GLU B 292 -6.82 -8.81 -27.40
C GLU B 292 -6.37 -10.00 -26.53
N PRO B 293 -6.97 -10.18 -25.34
CA PRO B 293 -6.55 -11.25 -24.42
C PRO B 293 -6.51 -12.66 -25.05
N ASP B 294 -7.42 -12.94 -25.96
CA ASP B 294 -7.59 -14.25 -26.65
C ASP B 294 -6.44 -14.49 -27.64
N LYS B 295 -5.76 -13.44 -28.08
CA LYS B 295 -4.59 -13.56 -28.99
C LYS B 295 -3.34 -13.90 -28.19
N ARG B 296 -3.35 -13.72 -26.86
CA ARG B 296 -2.20 -14.03 -25.99
C ARG B 296 -2.07 -15.54 -25.87
N PRO B 297 -0.87 -16.09 -25.68
CA PRO B 297 -0.75 -17.52 -25.43
C PRO B 297 -1.33 -17.89 -24.06
N VAL B 298 -1.63 -19.16 -23.88
CA VAL B 298 -2.03 -19.73 -22.55
C VAL B 298 -0.75 -20.26 -21.92
N PHE B 299 -0.75 -20.51 -20.61
CA PHE B 299 0.45 -20.89 -19.84
C PHE B 299 0.98 -22.22 -20.36
N ALA B 300 0.14 -23.13 -20.83
CA ALA B 300 0.61 -24.44 -21.34
C ALA B 300 1.52 -24.19 -22.55
N ASP B 301 1.14 -23.21 -23.37
CA ASP B 301 1.85 -22.87 -24.62
C ASP B 301 3.12 -22.11 -24.26
N ILE B 302 3.05 -21.28 -23.22
CA ILE B 302 4.24 -20.56 -22.75
C ILE B 302 5.26 -21.61 -22.26
N SER B 303 4.83 -22.56 -21.43
CA SER B 303 5.73 -23.63 -20.92
C SER B 303 6.40 -24.37 -22.10
N LYS B 304 5.62 -24.80 -23.09
CA LYS B 304 6.13 -25.41 -24.35
C LYS B 304 7.13 -24.44 -25.03
N ASP B 305 6.85 -23.15 -25.15
CA ASP B 305 7.77 -22.25 -25.92
C ASP B 305 9.13 -22.20 -25.21
N LEU B 306 9.11 -22.11 -23.87
CA LEU B 306 10.33 -22.03 -23.04
C LEU B 306 11.11 -23.35 -23.07
N GLU B 307 10.41 -24.50 -23.06
CA GLU B 307 11.02 -25.84 -23.29
C GLU B 307 11.74 -25.90 -24.66
N LYS B 308 11.11 -25.49 -25.76
CA LYS B 308 11.75 -25.48 -27.11
C LYS B 308 13.06 -24.69 -27.01
N MET B 309 13.01 -23.46 -26.46
CA MET B 309 14.15 -22.50 -26.37
C MET B 309 15.31 -23.16 -25.62
N MET B 310 15.02 -23.83 -24.51
CA MET B 310 16.01 -24.54 -23.67
C MET B 310 16.76 -25.57 -24.51
N VAL B 311 16.01 -26.43 -25.18
CA VAL B 311 16.49 -27.67 -25.85
C VAL B 311 17.39 -27.25 -27.03
N LYS B 312 16.89 -26.38 -27.91
CA LYS B 312 17.61 -25.86 -29.08
C LYS B 312 18.96 -25.22 -28.69
N ARG B 313 19.12 -24.68 -27.48
CA ARG B 313 20.35 -23.97 -27.04
C ARG B 313 21.26 -24.93 -26.24
#